data_6G6G
#
_entry.id   6G6G
#
_cell.length_a   30.660
_cell.length_b   85.000
_cell.length_c   59.608
_cell.angle_alpha   90.000
_cell.angle_beta   92.490
_cell.angle_gamma   90.000
#
_symmetry.space_group_name_H-M   'P 1 21 1'
#
loop_
_entity.id
_entity.type
_entity.pdbx_description
1 polymer CC-Type2-FI
2 water water
#
_entity_poly.entity_id   1
_entity_poly.type   'polypeptide(L)'
_entity_poly.pdbx_seq_one_letter_code
;(ACE)GEIAQAFKEIAKAFKEIAWAFKEIAQAFKG(NH2)
;
_entity_poly.pdbx_strand_id   A,B,C,D,E,F,G,H,I,J,K,L
#
# COMPACT_ATOMS: atom_id res chain seq x y z
N GLY A 2 19.74 14.76 13.75
CA GLY A 2 18.76 14.80 14.83
C GLY A 2 17.50 14.08 14.39
N GLU A 3 16.76 13.55 15.36
CA GLU A 3 15.51 12.86 15.07
C GLU A 3 14.48 13.84 14.52
N ILE A 4 14.47 15.07 15.02
CA ILE A 4 13.50 16.05 14.58
C ILE A 4 13.78 16.45 13.13
N ALA A 5 15.05 16.66 12.79
CA ALA A 5 15.40 16.99 11.41
C ALA A 5 15.02 15.86 10.46
N GLN A 6 15.22 14.60 10.87
CA GLN A 6 14.82 13.49 10.03
C GLN A 6 13.31 13.44 9.86
N ALA A 7 12.55 13.70 10.93
CA ALA A 7 11.09 13.68 10.81
C ALA A 7 10.63 14.76 9.85
N PHE A 8 11.24 15.94 9.90
CA PHE A 8 10.88 16.99 8.95
C PHE A 8 11.13 16.56 7.51
N LYS A 9 12.24 15.84 7.25
CA LYS A 9 12.52 15.39 5.90
C LYS A 9 11.47 14.40 5.43
N GLU A 10 11.04 13.51 6.32
CA GLU A 10 10.01 12.54 5.98
C GLU A 10 8.65 13.22 5.78
N ILE A 11 8.35 14.25 6.59
CA ILE A 11 7.11 14.99 6.43
C ILE A 11 7.10 15.71 5.09
N ALA A 12 8.23 16.34 4.71
CA ALA A 12 8.30 16.99 3.40
C ALA A 12 8.07 16.00 2.26
N LYS A 13 8.71 14.83 2.34
CA LYS A 13 8.54 13.83 1.30
C LYS A 13 7.08 13.39 1.20
N ALA A 14 6.42 13.20 2.34
CA ALA A 14 5.01 12.82 2.30
C ALA A 14 4.13 13.95 1.74
N PHE A 15 4.43 15.21 2.07
CA PHE A 15 3.68 16.33 1.49
C PHE A 15 3.76 16.31 -0.03
N LYS A 16 4.95 16.01 -0.58
CA LYS A 16 5.11 16.03 -2.03
C LYS A 16 4.33 14.89 -2.67
N GLU A 17 4.30 13.73 -2.02
CA GLU A 17 3.52 12.61 -2.53
C GLU A 17 2.03 12.92 -2.45
N ILE A 18 1.59 13.58 -1.37
CA ILE A 18 0.19 13.96 -1.26
C ILE A 18 -0.16 14.99 -2.33
N ALA A 19 0.73 15.95 -2.57
CA ALA A 19 0.50 16.93 -3.63
C ALA A 19 0.34 16.25 -4.99
N TRP A 20 1.21 15.29 -5.30
CA TRP A 20 1.14 14.62 -6.58
C TRP A 20 -0.18 13.86 -6.74
N ALA A 21 -0.62 13.17 -5.68
CA ALA A 21 -1.90 12.48 -5.69
C ALA A 21 -3.07 13.45 -5.88
N PHE A 22 -3.03 14.61 -5.21
CA PHE A 22 -4.07 15.62 -5.43
C PHE A 22 -4.14 16.05 -6.89
N LYS A 23 -2.97 16.26 -7.52
CA LYS A 23 -2.95 16.68 -8.91
C LYS A 23 -3.49 15.60 -9.84
N GLU A 24 -3.20 14.33 -9.53
CA GLU A 24 -3.79 13.25 -10.32
C GLU A 24 -5.30 13.20 -10.16
N ILE A 25 -5.80 13.43 -8.95
CA ILE A 25 -7.24 13.40 -8.71
C ILE A 25 -7.92 14.57 -9.42
N ALA A 26 -7.28 15.75 -9.40
CA ALA A 26 -7.82 16.89 -10.13
C ALA A 26 -7.90 16.59 -11.63
N GLN A 27 -6.86 15.98 -12.19
CA GLN A 27 -6.89 15.60 -13.61
C GLN A 27 -8.04 14.65 -13.89
N ALA A 28 -8.33 13.74 -12.95
CA ALA A 28 -9.41 12.78 -13.14
C ALA A 28 -10.77 13.47 -13.21
N PHE A 29 -10.99 14.47 -12.35
CA PHE A 29 -12.25 15.20 -12.37
C PHE A 29 -12.35 16.10 -13.59
N LYS A 30 -11.24 16.73 -13.98
CA LYS A 30 -11.30 17.65 -15.12
C LYS A 30 -11.53 16.92 -16.42
N GLY A 31 -10.85 15.79 -16.61
CA GLY A 31 -11.03 14.99 -17.81
C GLY A 31 -12.35 14.24 -17.81
N GLY B 2 13.99 13.85 23.51
CA GLY B 2 12.91 13.68 24.46
C GLY B 2 11.51 13.59 23.90
N GLU B 3 10.55 14.24 24.57
CA GLU B 3 9.15 14.09 24.19
C GLU B 3 8.82 14.84 22.91
N ILE B 4 9.53 15.93 22.63
CA ILE B 4 9.29 16.65 21.37
C ILE B 4 9.73 15.81 20.18
N ALA B 5 10.91 15.18 20.27
CA ALA B 5 11.37 14.29 19.21
C ALA B 5 10.42 13.12 19.01
N GLN B 6 9.88 12.57 20.10
CA GLN B 6 8.95 11.45 19.99
C GLN B 6 7.67 11.86 19.26
N ALA B 7 7.15 13.06 19.57
CA ALA B 7 5.95 13.53 18.90
C ALA B 7 6.20 13.74 17.40
N PHE B 8 7.39 14.25 17.04
CA PHE B 8 7.70 14.44 15.62
C PHE B 8 7.83 13.10 14.89
N LYS B 9 8.37 12.08 15.55
CA LYS B 9 8.40 10.75 14.94
C LYS B 9 6.99 10.24 14.68
N GLU B 10 6.05 10.52 15.60
CA GLU B 10 4.67 10.07 15.38
C GLU B 10 3.97 10.92 14.33
N ILE B 11 4.26 12.21 14.27
CA ILE B 11 3.70 13.01 13.16
C ILE B 11 4.19 12.47 11.82
N ALA B 12 5.48 12.17 11.74
CA ALA B 12 6.04 11.66 10.48
C ALA B 12 5.40 10.33 10.10
N LYS B 13 5.17 9.46 11.08
CA LYS B 13 4.55 8.17 10.79
C LYS B 13 3.16 8.34 10.20
N ALA B 14 2.36 9.21 10.81
CA ALA B 14 1.01 9.45 10.31
C ALA B 14 1.06 10.05 8.92
N PHE B 15 1.98 10.98 8.66
CA PHE B 15 2.10 11.56 7.32
C PHE B 15 2.40 10.49 6.27
N LYS B 16 3.30 9.54 6.59
CA LYS B 16 3.58 8.47 5.63
C LYS B 16 2.33 7.65 5.33
N GLU B 17 1.48 7.42 6.34
CA GLU B 17 0.26 6.65 6.11
C GLU B 17 -0.76 7.46 5.33
N ILE B 18 -0.80 8.78 5.55
CA ILE B 18 -1.68 9.62 4.75
C ILE B 18 -1.22 9.63 3.30
N ALA B 19 0.08 9.73 3.06
CA ALA B 19 0.59 9.73 1.69
C ALA B 19 0.26 8.43 0.96
N TRP B 20 0.42 7.29 1.66
CA TRP B 20 0.08 6.00 1.06
C TRP B 20 -1.39 5.93 0.69
N ALA B 21 -2.28 6.35 1.61
CA ALA B 21 -3.70 6.36 1.31
C ALA B 21 -4.02 7.24 0.11
N PHE B 22 -3.39 8.42 0.02
CA PHE B 22 -3.60 9.30 -1.12
C PHE B 22 -3.19 8.62 -2.43
N LYS B 23 -2.08 7.89 -2.42
CA LYS B 23 -1.67 7.20 -3.64
C LYS B 23 -2.68 6.12 -4.02
N GLU B 24 -3.24 5.43 -3.01
CA GLU B 24 -4.27 4.42 -3.26
C GLU B 24 -5.51 5.04 -3.87
N ILE B 25 -5.92 6.20 -3.33
CA ILE B 25 -7.11 6.89 -3.81
C ILE B 25 -6.90 7.38 -5.24
N ALA B 26 -5.72 7.95 -5.52
CA ALA B 26 -5.43 8.38 -6.89
C ALA B 26 -5.45 7.19 -7.85
N GLN B 27 -4.89 6.06 -7.42
CA GLN B 27 -4.89 4.87 -8.28
C GLN B 27 -6.32 4.38 -8.55
N ALA B 28 -7.22 4.51 -7.57
CA ALA B 28 -8.60 4.13 -7.82
C ALA B 28 -9.24 5.01 -8.89
N PHE B 29 -8.89 6.30 -8.93
CA PHE B 29 -9.39 7.14 -10.02
C PHE B 29 -8.77 6.80 -11.36
N LYS B 30 -7.76 5.94 -11.41
CA LYS B 30 -7.23 5.44 -12.68
C LYS B 30 -7.65 4.00 -12.97
N GLY B 31 -8.61 3.48 -12.22
CA GLY B 31 -9.18 2.19 -12.55
C GLY B 31 -8.66 1.07 -11.68
N GLY C 2 7.37 21.57 28.04
CA GLY C 2 6.20 22.36 28.40
C GLY C 2 5.07 22.35 27.37
N GLU C 3 4.52 23.53 27.06
CA GLU C 3 3.42 23.59 26.11
C GLU C 3 3.88 23.55 24.66
N ILE C 4 5.19 23.66 24.41
CA ILE C 4 5.73 23.39 23.09
C ILE C 4 5.62 21.89 22.81
N ALA C 5 6.11 21.08 23.74
CA ALA C 5 5.90 19.64 23.67
C ALA C 5 4.43 19.29 23.56
N GLN C 6 3.58 19.92 24.37
CA GLN C 6 2.16 19.57 24.35
C GLN C 6 1.54 19.89 22.99
N ALA C 7 1.96 20.99 22.38
CA ALA C 7 1.41 21.35 21.08
C ALA C 7 1.75 20.30 20.03
N PHE C 8 3.00 19.83 19.99
CA PHE C 8 3.32 18.79 19.02
C PHE C 8 2.69 17.46 19.38
N LYS C 9 2.45 17.19 20.67
CA LYS C 9 1.71 15.98 21.03
C LYS C 9 0.28 16.03 20.52
N GLU C 10 -0.35 17.21 20.59
CA GLU C 10 -1.72 17.34 20.07
C GLU C 10 -1.73 17.24 18.54
N ILE C 11 -0.68 17.74 17.90
CA ILE C 11 -0.59 17.64 16.44
C ILE C 11 -0.45 16.18 16.03
N ALA C 12 0.37 15.41 16.77
CA ALA C 12 0.50 13.98 16.51
C ALA C 12 -0.86 13.27 16.59
N LYS C 13 -1.66 13.60 17.62
CA LYS C 13 -2.97 12.95 17.76
C LYS C 13 -3.89 13.31 16.60
N ALA C 14 -3.90 14.58 16.20
CA ALA C 14 -4.74 15.02 15.10
C ALA C 14 -4.37 14.29 13.81
N PHE C 15 -3.07 14.16 13.52
CA PHE C 15 -2.71 13.52 12.27
C PHE C 15 -2.89 12.01 12.32
N LYS C 16 -2.85 11.40 13.51
CA LYS C 16 -3.25 10.00 13.60
C LYS C 16 -4.72 9.83 13.29
N GLU C 17 -5.56 10.76 13.74
CA GLU C 17 -6.98 10.73 13.37
C GLU C 17 -7.18 10.86 11.87
N ILE C 18 -6.39 11.73 11.24
CA ILE C 18 -6.46 11.94 9.80
C ILE C 18 -6.01 10.68 9.04
N ALA C 19 -4.95 10.03 9.53
CA ALA C 19 -4.49 8.81 8.90
C ALA C 19 -5.56 7.73 8.94
N TRP C 20 -6.25 7.59 10.09
CA TRP C 20 -7.36 6.66 10.18
C TRP C 20 -8.43 6.97 9.14
N ALA C 21 -8.79 8.25 9.04
CA ALA C 21 -9.86 8.67 8.13
C ALA C 21 -9.53 8.31 6.69
N PHE C 22 -8.30 8.60 6.24
CA PHE C 22 -7.99 8.36 4.84
C PHE C 22 -7.76 6.88 4.54
N LYS C 23 -7.27 6.10 5.52
CA LYS C 23 -7.28 4.65 5.33
C LYS C 23 -8.69 4.13 5.09
N GLU C 24 -9.69 4.68 5.80
CA GLU C 24 -11.06 4.22 5.57
C GLU C 24 -11.58 4.68 4.22
N ILE C 25 -11.15 5.85 3.74
CA ILE C 25 -11.59 6.32 2.43
C ILE C 25 -11.01 5.44 1.33
N ALA C 26 -9.72 5.12 1.45
CA ALA C 26 -9.08 4.26 0.46
C ALA C 26 -9.81 2.92 0.35
N GLN C 27 -10.27 2.39 1.48
CA GLN C 27 -11.04 1.14 1.47
C GLN C 27 -12.40 1.32 0.83
N ALA C 28 -13.06 2.46 1.09
CA ALA C 28 -14.40 2.72 0.55
C ALA C 28 -14.40 2.81 -0.96
N PHE C 29 -13.28 3.15 -1.58
CA PHE C 29 -13.26 3.20 -3.03
C PHE C 29 -13.19 1.81 -3.66
N LYS C 30 -12.87 0.77 -2.89
CA LYS C 30 -12.88 -0.58 -3.43
C LYS C 30 -14.28 -1.02 -3.82
N GLY C 31 -15.30 -0.57 -3.10
CA GLY C 31 -16.66 -1.05 -3.29
C GLY C 31 -17.36 -0.42 -4.49
N GLY D 2 4.90 27.62 18.55
CA GLY D 2 4.87 28.84 17.77
C GLY D 2 4.15 28.77 16.43
N GLU D 3 4.69 29.48 15.43
CA GLU D 3 3.98 29.65 14.17
C GLU D 3 3.91 28.34 13.39
N ILE D 4 4.95 27.50 13.47
CA ILE D 4 4.90 26.22 12.76
C ILE D 4 3.85 25.31 13.37
N ALA D 5 3.75 25.27 14.70
CA ALA D 5 2.73 24.41 15.31
C ALA D 5 1.32 24.90 14.95
N GLN D 6 1.13 26.22 14.93
CA GLN D 6 -0.16 26.79 14.52
C GLN D 6 -0.51 26.39 13.10
N ALA D 7 0.47 26.43 12.20
CA ALA D 7 0.20 26.06 10.81
C ALA D 7 -0.13 24.57 10.69
N PHE D 8 0.58 23.71 11.42
CA PHE D 8 0.25 22.28 11.45
C PHE D 8 -1.20 22.06 11.88
N LYS D 9 -1.66 22.79 12.90
CA LYS D 9 -3.02 22.66 13.40
C LYS D 9 -4.04 23.07 12.35
N GLU D 10 -3.78 24.18 11.65
CA GLU D 10 -4.68 24.63 10.58
C GLU D 10 -4.71 23.63 9.43
N ILE D 11 -3.55 23.08 9.06
CA ILE D 11 -3.49 22.04 8.05
C ILE D 11 -4.28 20.81 8.49
N ALA D 12 -4.14 20.42 9.77
CA ALA D 12 -4.88 19.26 10.27
C ALA D 12 -6.40 19.46 10.16
N LYS D 13 -6.88 20.64 10.57
CA LYS D 13 -8.30 20.95 10.48
C LYS D 13 -8.80 20.88 9.03
N ALA D 14 -8.01 21.40 8.08
CA ALA D 14 -8.39 21.33 6.68
C ALA D 14 -8.38 19.89 6.16
N PHE D 15 -7.37 19.09 6.54
CA PHE D 15 -7.36 17.68 6.18
C PHE D 15 -8.62 16.98 6.66
N LYS D 16 -9.07 17.28 7.88
CA LYS D 16 -10.25 16.60 8.40
C LYS D 16 -11.49 16.94 7.58
N GLU D 17 -11.60 18.20 7.15
CA GLU D 17 -12.74 18.59 6.34
C GLU D 17 -12.65 17.96 4.95
N ILE D 18 -11.44 17.84 4.41
CA ILE D 18 -11.26 17.16 3.13
C ILE D 18 -11.60 15.68 3.26
N ALA D 19 -11.21 15.06 4.38
CA ALA D 19 -11.56 13.64 4.59
C ALA D 19 -13.07 13.44 4.65
N TRP D 20 -13.77 14.32 5.37
CA TRP D 20 -15.22 14.17 5.46
C TRP D 20 -15.88 14.28 4.10
N ALA D 21 -15.42 15.22 3.27
CA ALA D 21 -15.97 15.38 1.92
C ALA D 21 -15.63 14.17 1.04
N PHE D 22 -14.41 13.64 1.14
CA PHE D 22 -14.06 12.44 0.40
C PHE D 22 -14.99 11.29 0.77
N LYS D 23 -15.31 11.17 2.05
CA LYS D 23 -16.20 10.11 2.49
CA LYS D 23 -16.20 10.11 2.50
C LYS D 23 -17.58 10.26 1.87
N GLU D 24 -18.11 11.48 1.86
CA GLU D 24 -19.42 11.70 1.24
CA GLU D 24 -19.42 11.68 1.25
C GLU D 24 -19.39 11.41 -0.26
N ILE D 25 -18.28 11.74 -0.92
CA ILE D 25 -18.17 11.47 -2.35
C ILE D 25 -18.11 9.96 -2.63
N ALA D 26 -17.26 9.24 -1.88
CA ALA D 26 -17.17 7.79 -2.07
C ALA D 26 -18.50 7.11 -1.74
N GLN D 27 -19.19 7.61 -0.72
CA GLN D 27 -20.50 7.05 -0.38
C GLN D 27 -21.52 7.31 -1.48
N ALA D 28 -21.43 8.48 -2.13
CA ALA D 28 -22.36 8.78 -3.20
C ALA D 28 -22.19 7.81 -4.36
N PHE D 29 -20.93 7.44 -4.69
CA PHE D 29 -20.68 6.51 -5.79
C PHE D 29 -21.27 5.12 -5.53
N LYS D 30 -21.80 4.86 -4.34
CA LYS D 30 -22.36 3.56 -4.00
C LYS D 30 -23.75 3.67 -3.39
N GLY D 31 -24.52 4.68 -3.79
CA GLY D 31 -25.92 4.73 -3.40
C GLY D 31 -26.39 5.83 -2.48
N GLY E 2 13.39 32.35 8.94
CA GLY E 2 11.96 32.57 8.88
C GLY E 2 11.29 31.92 7.68
N GLU E 3 12.10 31.29 6.82
CA GLU E 3 11.58 30.78 5.55
C GLU E 3 10.65 29.59 5.77
N ILE E 4 11.02 28.68 6.66
CA ILE E 4 10.20 27.49 6.82
CA ILE E 4 10.21 27.48 6.87
C ILE E 4 8.85 27.84 7.46
N ALA E 5 8.83 28.77 8.42
CA ALA E 5 7.57 29.20 9.01
C ALA E 5 6.70 29.89 7.96
N GLN E 6 7.30 30.71 7.11
CA GLN E 6 6.56 31.34 6.03
C GLN E 6 5.98 30.31 5.08
N ALA E 7 6.77 29.30 4.70
CA ALA E 7 6.27 28.26 3.82
C ALA E 7 5.11 27.51 4.46
N PHE E 8 5.22 27.20 5.76
CA PHE E 8 4.13 26.52 6.44
C PHE E 8 2.86 27.38 6.45
N LYS E 9 3.00 28.70 6.64
CA LYS E 9 1.81 29.54 6.62
C LYS E 9 1.15 29.54 5.24
N GLU E 10 1.96 29.51 4.17
CA GLU E 10 1.42 29.45 2.82
C GLU E 10 0.76 28.11 2.55
N ILE E 11 1.32 27.03 3.08
CA ILE E 11 0.70 25.72 2.91
C ILE E 11 -0.65 25.67 3.61
N ALA E 12 -0.72 26.22 4.82
CA ALA E 12 -1.99 26.26 5.55
C ALA E 12 -3.04 27.07 4.81
N LYS E 13 -2.66 28.21 4.24
CA LYS E 13 -3.59 29.00 3.44
C LYS E 13 -4.17 28.19 2.28
N ALA E 14 -3.31 27.49 1.55
CA ALA E 14 -3.78 26.71 0.39
C ALA E 14 -4.68 25.56 0.84
N PHE E 15 -4.38 24.96 2.00
CA PHE E 15 -5.19 23.83 2.47
C PHE E 15 -6.60 24.26 2.84
N LYS E 16 -6.73 25.46 3.42
CA LYS E 16 -8.04 26.04 3.69
C LYS E 16 -8.85 26.17 2.40
N GLU E 17 -8.21 26.58 1.31
CA GLU E 17 -8.91 26.75 0.04
C GLU E 17 -9.26 25.40 -0.59
N ILE E 18 -8.37 24.41 -0.49
CA ILE E 18 -8.67 23.07 -0.97
C ILE E 18 -9.86 22.49 -0.20
N ALA E 19 -9.88 22.72 1.11
CA ALA E 19 -10.99 22.22 1.93
C ALA E 19 -12.32 22.85 1.50
N TRP E 20 -12.32 24.16 1.25
CA TRP E 20 -13.53 24.82 0.78
C TRP E 20 -14.05 24.17 -0.49
N ALA E 21 -13.14 23.88 -1.44
CA ALA E 21 -13.54 23.30 -2.71
C ALA E 21 -14.09 21.89 -2.52
N PHE E 22 -13.44 21.08 -1.68
CA PHE E 22 -13.95 19.73 -1.46
C PHE E 22 -15.33 19.75 -0.81
N LYS E 23 -15.60 20.72 0.06
CA LYS E 23 -16.93 20.81 0.67
C LYS E 23 -17.98 21.18 -0.38
N GLU E 24 -17.62 22.01 -1.36
CA GLU E 24 -18.54 22.32 -2.45
C GLU E 24 -18.82 21.08 -3.30
N ILE E 25 -17.77 20.31 -3.59
CA ILE E 25 -17.91 19.15 -4.45
C ILE E 25 -18.78 18.10 -3.78
N ALA E 26 -18.57 17.86 -2.48
CA ALA E 26 -19.39 16.92 -1.75
C ALA E 26 -20.86 17.35 -1.75
N GLN E 27 -21.10 18.66 -1.63
CA GLN E 27 -22.48 19.14 -1.67
C GLN E 27 -23.11 18.89 -3.04
N ALA E 28 -22.32 19.03 -4.11
CA ALA E 28 -22.84 18.76 -5.45
C ALA E 28 -23.25 17.30 -5.59
N PHE E 29 -22.49 16.38 -4.98
CA PHE E 29 -22.86 14.97 -5.08
C PHE E 29 -24.08 14.63 -4.24
N LYS E 30 -24.39 15.45 -3.24
CA LYS E 30 -25.62 15.31 -2.46
C LYS E 30 -26.78 16.09 -3.05
N GLY E 31 -26.62 16.65 -4.25
CA GLY E 31 -27.71 17.36 -4.88
C GLY E 31 -27.34 18.02 -6.19
N GLY F 2 18.33 26.39 4.92
CA GLY F 2 18.91 25.20 4.34
C GLY F 2 18.05 24.45 3.34
N GLU F 3 18.37 23.18 3.13
CA GLU F 3 17.64 22.39 2.16
C GLU F 3 16.19 22.18 2.57
N ILE F 4 15.94 22.02 3.86
CA ILE F 4 14.59 21.70 4.30
C ILE F 4 13.67 22.88 4.08
N ALA F 5 14.17 24.11 4.28
CA ALA F 5 13.39 25.29 3.93
C ALA F 5 13.05 25.30 2.45
N GLN F 6 14.00 24.94 1.59
CA GLN F 6 13.73 24.92 0.16
CA GLN F 6 13.72 24.92 0.15
C GLN F 6 12.64 23.90 -0.18
N ALA F 7 12.70 22.72 0.46
CA ALA F 7 11.70 21.70 0.21
C ALA F 7 10.29 22.20 0.54
N PHE F 8 10.12 22.87 1.67
CA PHE F 8 8.79 23.33 2.04
C PHE F 8 8.33 24.51 1.18
N LYS F 9 9.27 25.32 0.68
CA LYS F 9 8.91 26.36 -0.29
C LYS F 9 8.33 25.74 -1.55
N GLU F 10 8.93 24.65 -2.02
CA GLU F 10 8.40 23.95 -3.19
C GLU F 10 7.03 23.37 -2.91
N ILE F 11 6.83 22.81 -1.72
CA ILE F 11 5.53 22.26 -1.33
C ILE F 11 4.47 23.35 -1.31
N ALA F 12 4.81 24.53 -0.78
CA ALA F 12 3.85 25.62 -0.77
C ALA F 12 3.40 25.96 -2.18
N LYS F 13 4.34 25.97 -3.15
CA LYS F 13 3.99 26.33 -4.51
C LYS F 13 3.10 25.28 -5.15
N ALA F 14 3.35 24.00 -4.83
CA ALA F 14 2.54 22.93 -5.38
C ALA F 14 1.12 22.96 -4.86
N PHE F 15 0.94 23.25 -3.56
CA PHE F 15 -0.41 23.25 -3.02
C PHE F 15 -1.20 24.48 -3.44
N LYS F 16 -0.54 25.60 -3.74
CA LYS F 16 -1.30 26.71 -4.28
C LYS F 16 -1.79 26.38 -5.69
N GLU F 17 -1.01 25.62 -6.45
CA GLU F 17 -1.51 25.15 -7.76
C GLU F 17 -2.70 24.22 -7.59
N ILE F 18 -2.66 23.37 -6.57
CA ILE F 18 -3.74 22.44 -6.31
C ILE F 18 -5.00 23.18 -5.92
N ALA F 19 -4.87 24.22 -5.09
CA ALA F 19 -6.03 24.99 -4.66
C ALA F 19 -6.71 25.61 -5.87
N TRP F 20 -5.91 26.13 -6.80
CA TRP F 20 -6.39 26.73 -8.05
C TRP F 20 -7.13 25.70 -8.88
N ALA F 21 -6.57 24.49 -8.99
CA ALA F 21 -7.21 23.45 -9.79
C ALA F 21 -8.57 23.05 -9.23
N PHE F 22 -8.67 22.91 -7.91
CA PHE F 22 -9.93 22.47 -7.34
C PHE F 22 -10.93 23.60 -7.20
N LYS F 23 -10.49 24.85 -7.21
CA LYS F 23 -11.43 25.95 -7.35
C LYS F 23 -12.20 25.82 -8.66
N GLU F 24 -11.50 25.55 -9.77
CA GLU F 24 -12.18 25.38 -11.05
C GLU F 24 -13.12 24.18 -11.03
N ILE F 25 -12.66 23.06 -10.47
CA ILE F 25 -13.48 21.85 -10.45
C ILE F 25 -14.76 22.08 -9.64
N ALA F 26 -14.62 22.75 -8.49
CA ALA F 26 -15.77 23.00 -7.63
C ALA F 26 -16.81 23.86 -8.34
N GLN F 27 -16.36 24.90 -9.05
CA GLN F 27 -17.32 25.75 -9.73
CA GLN F 27 -17.28 25.77 -9.78
C GLN F 27 -17.91 25.06 -10.97
N ALA F 28 -17.21 24.08 -11.56
CA ALA F 28 -17.76 23.30 -12.66
C ALA F 28 -18.87 22.36 -12.20
N PHE F 29 -18.92 22.04 -10.91
CA PHE F 29 -19.97 21.21 -10.35
C PHE F 29 -21.25 21.99 -10.08
N LYS F 30 -21.29 23.27 -10.45
CA LYS F 30 -22.50 24.08 -10.33
C LYS F 30 -23.14 24.40 -11.68
N GLY F 31 -22.41 24.25 -12.77
CA GLY F 31 -22.94 24.57 -14.09
C GLY F 31 -21.96 25.36 -14.94
N GLY G 2 -14.55 -35.14 -2.16
CA GLY G 2 -13.43 -35.73 -2.84
C GLY G 2 -12.10 -35.15 -2.39
N GLU G 3 -11.02 -35.89 -2.65
CA GLU G 3 -9.71 -35.47 -2.18
C GLU G 3 -9.21 -34.27 -2.97
N ILE G 4 -9.57 -34.16 -4.25
CA ILE G 4 -9.16 -32.99 -5.02
C ILE G 4 -9.83 -31.74 -4.49
N ALA G 5 -11.14 -31.83 -4.23
CA ALA G 5 -11.86 -30.68 -3.66
C ALA G 5 -11.25 -30.26 -2.32
N GLN G 6 -10.88 -31.25 -1.48
CA GLN G 6 -10.24 -30.91 -0.22
C GLN G 6 -8.88 -30.26 -0.45
N ALA G 7 -8.13 -30.75 -1.45
CA ALA G 7 -6.82 -30.15 -1.74
C ALA G 7 -6.99 -28.70 -2.16
N PHE G 8 -8.00 -28.41 -3.01
CA PHE G 8 -8.23 -27.03 -3.41
C PHE G 8 -8.56 -26.15 -2.21
N LYS G 9 -9.35 -26.68 -1.26
CA LYS G 9 -9.69 -25.92 -0.07
C LYS G 9 -8.45 -25.62 0.77
N GLU G 10 -7.54 -26.59 0.90
CA GLU G 10 -6.29 -26.35 1.64
C GLU G 10 -5.38 -25.38 0.91
N ILE G 11 -5.35 -25.46 -0.43
CA ILE G 11 -4.54 -24.53 -1.22
C ILE G 11 -5.08 -23.11 -1.07
N ALA G 12 -6.40 -22.95 -1.10
CA ALA G 12 -7.01 -21.64 -0.91
C ALA G 12 -6.70 -21.08 0.48
N LYS G 13 -6.80 -21.92 1.51
CA LYS G 13 -6.48 -21.47 2.86
C LYS G 13 -5.03 -21.00 2.95
N ALA G 14 -4.11 -21.74 2.32
CA ALA G 14 -2.70 -21.38 2.36
C ALA G 14 -2.43 -20.10 1.58
N PHE G 15 -3.09 -19.94 0.42
CA PHE G 15 -2.95 -18.69 -0.33
C PHE G 15 -3.34 -17.49 0.53
N LYS G 16 -4.42 -17.63 1.33
CA LYS G 16 -4.89 -16.52 2.13
C LYS G 16 -3.92 -16.20 3.25
N GLU G 17 -3.27 -17.22 3.82
CA GLU G 17 -2.24 -16.97 4.84
C GLU G 17 -1.00 -16.33 4.23
N ILE G 18 -0.62 -16.78 3.03
CA ILE G 18 0.52 -16.20 2.35
C ILE G 18 0.24 -14.73 2.00
N ALA G 19 -0.98 -14.46 1.53
CA ALA G 19 -1.36 -13.07 1.27
C ALA G 19 -1.27 -12.22 2.53
N TRP G 20 -1.79 -12.73 3.65
CA TRP G 20 -1.68 -12.01 4.92
C TRP G 20 -0.23 -11.69 5.27
N ALA G 21 0.66 -12.67 5.09
CA ALA G 21 2.08 -12.49 5.39
C ALA G 21 2.71 -11.44 4.47
N PHE G 22 2.41 -11.50 3.16
CA PHE G 22 2.90 -10.48 2.25
C PHE G 22 2.47 -9.09 2.70
N LYS G 23 1.23 -8.95 3.16
CA LYS G 23 0.73 -7.64 3.55
C LYS G 23 1.40 -7.14 4.82
N GLU G 24 1.74 -8.05 5.73
CA GLU G 24 2.50 -7.66 6.93
C GLU G 24 3.89 -7.19 6.56
N ILE G 25 4.55 -7.91 5.65
CA ILE G 25 5.88 -7.50 5.18
C ILE G 25 5.79 -6.14 4.50
N ALA G 26 4.76 -5.94 3.67
CA ALA G 26 4.57 -4.63 3.03
C ALA G 26 4.44 -3.53 4.07
N GLN G 27 3.66 -3.76 5.14
CA GLN G 27 3.51 -2.77 6.19
C GLN G 27 4.85 -2.50 6.87
N ALA G 28 5.66 -3.54 7.06
CA ALA G 28 6.99 -3.35 7.65
C ALA G 28 7.85 -2.43 6.79
N PHE G 29 7.85 -2.66 5.47
CA PHE G 29 8.66 -1.81 4.59
C PHE G 29 8.10 -0.40 4.48
N LYS G 30 6.78 -0.24 4.56
CA LYS G 30 6.20 1.10 4.50
C LYS G 30 6.62 1.91 5.72
N GLY G 31 6.43 1.34 6.91
CA GLY G 31 6.87 1.96 8.15
C GLY G 31 6.64 3.45 8.18
N GLY H 2 -7.10 -41.00 -8.71
CA GLY H 2 -5.85 -41.53 -9.25
C GLY H 2 -4.60 -40.67 -9.13
N GLU H 3 -3.82 -40.63 -10.21
CA GLU H 3 -2.57 -39.87 -10.21
C GLU H 3 -2.82 -38.38 -10.02
N ILE H 4 -3.94 -37.86 -10.54
CA ILE H 4 -4.23 -36.44 -10.42
C ILE H 4 -4.54 -36.08 -8.97
N ALA H 5 -5.32 -36.91 -8.28
CA ALA H 5 -5.62 -36.63 -6.87
C ALA H 5 -4.36 -36.67 -6.02
N GLN H 6 -3.47 -37.64 -6.27
CA GLN H 6 -2.23 -37.73 -5.51
C GLN H 6 -1.37 -36.49 -5.72
N ALA H 7 -1.28 -36.01 -6.96
CA ALA H 7 -0.52 -34.78 -7.21
C ALA H 7 -1.12 -33.61 -6.44
N PHE H 8 -2.45 -33.50 -6.43
CA PHE H 8 -3.11 -32.39 -5.75
C PHE H 8 -2.89 -32.45 -4.24
N LYS H 9 -2.84 -33.67 -3.67
CA LYS H 9 -2.54 -33.78 -2.24
C LYS H 9 -1.11 -33.31 -1.94
N GLU H 10 -0.17 -33.63 -2.83
CA GLU H 10 1.21 -33.17 -2.65
C GLU H 10 1.32 -31.65 -2.81
N ILE H 11 0.56 -31.06 -3.74
CA ILE H 11 0.57 -29.59 -3.88
C ILE H 11 0.02 -28.93 -2.62
N ALA H 12 -1.08 -29.45 -2.10
CA ALA H 12 -1.67 -28.90 -0.88
C ALA H 12 -0.70 -28.98 0.30
N LYS H 13 -0.02 -30.11 0.46
CA LYS H 13 0.95 -30.27 1.54
C LYS H 13 2.07 -29.25 1.41
N ALA H 14 2.57 -29.06 0.17
CA ALA H 14 3.64 -28.08 -0.04
C ALA H 14 3.17 -26.67 0.25
N PHE H 15 1.92 -26.35 -0.13
CA PHE H 15 1.39 -25.01 0.14
C PHE H 15 1.29 -24.72 1.63
N LYS H 16 0.89 -25.72 2.42
CA LYS H 16 0.84 -25.54 3.88
C LYS H 16 2.23 -25.24 4.44
N GLU H 17 3.27 -25.87 3.90
CA GLU H 17 4.63 -25.61 4.36
C GLU H 17 5.09 -24.22 3.94
N ILE H 18 4.76 -23.82 2.71
CA ILE H 18 5.11 -22.46 2.27
C ILE H 18 4.42 -21.42 3.14
N ALA H 19 3.16 -21.66 3.50
CA ALA H 19 2.41 -20.69 4.31
C ALA H 19 3.00 -20.57 5.72
N TRP H 20 3.44 -21.69 6.29
CA TRP H 20 4.08 -21.61 7.60
C TRP H 20 5.36 -20.80 7.54
N ALA H 21 6.20 -21.02 6.51
CA ALA H 21 7.43 -20.26 6.38
C ALA H 21 7.15 -18.78 6.19
N PHE H 22 6.12 -18.46 5.41
CA PHE H 22 5.79 -17.06 5.19
C PHE H 22 5.36 -16.39 6.50
N LYS H 23 4.61 -17.10 7.33
CA LYS H 23 4.25 -16.53 8.63
C LYS H 23 5.49 -16.29 9.49
N GLU H 24 6.45 -17.22 9.45
CA GLU H 24 7.68 -17.02 10.22
C GLU H 24 8.49 -15.84 9.69
N ILE H 25 8.52 -15.64 8.37
CA ILE H 25 9.21 -14.48 7.80
C ILE H 25 8.51 -13.20 8.22
N ALA H 26 7.18 -13.16 8.16
CA ALA H 26 6.44 -11.98 8.59
C ALA H 26 6.71 -11.67 10.05
N GLN H 27 6.75 -12.70 10.90
CA GLN H 27 6.98 -12.50 12.33
C GLN H 27 8.36 -11.90 12.58
N ALA H 28 9.36 -12.25 11.77
CA ALA H 28 10.68 -11.65 11.92
C ALA H 28 10.62 -10.13 11.69
N PHE H 29 9.79 -9.69 10.73
CA PHE H 29 9.66 -8.26 10.51
C PHE H 29 8.85 -7.57 11.60
N LYS H 30 8.10 -8.33 12.39
CA LYS H 30 7.42 -7.81 13.57
C LYS H 30 8.18 -8.09 14.86
N GLY H 31 9.46 -8.43 14.76
CA GLY H 31 10.29 -8.58 15.95
C GLY H 31 10.76 -9.99 16.24
N GLY I 2 -2.99 -38.94 -18.28
CA GLY I 2 -2.21 -38.48 -19.41
C GLY I 2 -1.41 -37.21 -19.15
N GLU I 3 -1.46 -36.27 -20.08
CA GLU I 3 -0.66 -35.06 -19.93
C GLU I 3 -1.22 -34.10 -18.89
N ILE I 4 -2.48 -34.28 -18.48
CA ILE I 4 -3.03 -33.51 -17.38
C ILE I 4 -2.40 -33.97 -16.06
N ALA I 5 -2.39 -35.29 -15.83
CA ALA I 5 -1.69 -35.82 -14.65
C ALA I 5 -0.22 -35.44 -14.67
N GLN I 6 0.42 -35.54 -15.84
CA GLN I 6 1.83 -35.15 -15.94
C GLN I 6 2.05 -33.70 -15.54
N ALA I 7 1.17 -32.80 -16.00
CA ALA I 7 1.31 -31.39 -15.63
C ALA I 7 1.23 -31.22 -14.12
N PHE I 8 0.23 -31.82 -13.49
CA PHE I 8 0.08 -31.63 -12.06
C PHE I 8 1.20 -32.31 -11.29
N LYS I 9 1.78 -33.40 -11.85
CA LYS I 9 2.98 -33.99 -11.26
C LYS I 9 4.17 -33.03 -11.29
N GLU I 10 4.35 -32.31 -12.41
CA GLU I 10 5.44 -31.35 -12.50
C GLU I 10 5.21 -30.17 -11.56
N ILE I 11 3.95 -29.77 -11.40
CA ILE I 11 3.60 -28.69 -10.48
C ILE I 11 3.90 -29.09 -9.04
N ALA I 12 3.53 -30.31 -8.66
CA ALA I 12 3.84 -30.80 -7.32
C ALA I 12 5.34 -30.77 -7.04
N LYS I 13 6.15 -31.18 -8.03
CA LYS I 13 7.61 -31.17 -7.83
C LYS I 13 8.12 -29.75 -7.61
N ALA I 14 7.62 -28.80 -8.39
CA ALA I 14 8.06 -27.40 -8.27
C ALA I 14 7.71 -26.82 -6.92
N PHE I 15 6.49 -27.09 -6.42
CA PHE I 15 6.11 -26.49 -5.16
C PHE I 15 6.82 -27.16 -3.98
N LYS I 16 7.18 -28.43 -4.12
CA LYS I 16 8.04 -29.06 -3.11
C LYS I 16 9.40 -28.41 -3.05
N GLU I 17 9.96 -28.05 -4.22
CA GLU I 17 11.22 -27.31 -4.23
C GLU I 17 11.08 -25.95 -3.58
N ILE I 18 9.95 -25.27 -3.83
CA ILE I 18 9.70 -23.94 -3.27
C ILE I 18 9.56 -24.02 -1.76
N ALA I 19 8.85 -25.04 -1.26
CA ALA I 19 8.71 -25.24 0.17
C ALA I 19 10.07 -25.39 0.83
N TRP I 20 10.95 -26.20 0.23
CA TRP I 20 12.31 -26.37 0.73
C TRP I 20 13.07 -25.05 0.75
N ALA I 21 12.93 -24.26 -0.32
CA ALA I 21 13.62 -22.98 -0.40
C ALA I 21 13.17 -22.01 0.68
N PHE I 22 11.86 -21.90 0.91
CA PHE I 22 11.38 -20.94 1.90
C PHE I 22 11.62 -21.39 3.33
N LYS I 23 11.81 -22.70 3.55
CA LYS I 23 12.25 -23.15 4.87
C LYS I 23 13.62 -22.57 5.21
N GLU I 24 14.56 -22.64 4.28
CA GLU I 24 15.89 -22.07 4.53
C GLU I 24 15.80 -20.56 4.75
N ILE I 25 14.86 -19.90 4.07
CA ILE I 25 14.77 -18.44 4.18
C ILE I 25 14.20 -18.03 5.53
N ALA I 26 13.15 -18.73 5.98
CA ALA I 26 12.58 -18.42 7.28
C ALA I 26 13.61 -18.60 8.39
N GLN I 27 14.46 -19.63 8.29
CA GLN I 27 15.52 -19.78 9.28
C GLN I 27 16.55 -18.67 9.20
N ALA I 28 16.85 -18.17 8.00
CA ALA I 28 17.76 -17.04 7.88
C ALA I 28 17.17 -15.78 8.52
N PHE I 29 15.86 -15.55 8.35
CA PHE I 29 15.25 -14.37 8.96
C PHE I 29 15.02 -14.55 10.46
N LYS I 30 14.66 -15.77 10.87
CA LYS I 30 14.47 -16.02 12.30
C LYS I 30 15.76 -15.77 13.07
N GLY I 31 16.90 -16.16 12.52
CA GLY I 31 18.18 -15.88 13.12
C GLY I 31 18.61 -14.43 12.98
N GLY J 2 -4.84 -27.77 -18.65
CA GLY J 2 -5.35 -26.53 -19.21
C GLY J 2 -4.91 -25.26 -18.51
N GLU J 3 -5.86 -24.34 -18.34
CA GLU J 3 -5.52 -22.99 -17.88
C GLU J 3 -5.05 -22.98 -16.43
N ILE J 4 -5.69 -23.78 -15.58
CA ILE J 4 -5.31 -23.81 -14.17
C ILE J 4 -3.90 -24.37 -14.01
N ALA J 5 -3.57 -25.44 -14.72
CA ALA J 5 -2.20 -25.98 -14.65
C ALA J 5 -1.18 -24.96 -15.14
N GLN J 6 -1.49 -24.25 -16.24
CA GLN J 6 -0.55 -23.25 -16.74
C GLN J 6 -0.36 -22.13 -15.72
N ALA J 7 -1.43 -21.70 -15.06
CA ALA J 7 -1.31 -20.67 -14.03
C ALA J 7 -0.51 -21.18 -12.82
N PHE J 8 -0.75 -22.42 -12.38
CA PHE J 8 0.08 -22.99 -11.31
C PHE J 8 1.56 -22.96 -11.67
N LYS J 9 1.89 -23.26 -12.93
CA LYS J 9 3.30 -23.27 -13.31
C LYS J 9 3.89 -21.86 -13.30
N GLU J 10 3.08 -20.89 -13.71
CA GLU J 10 3.56 -19.50 -13.68
CA GLU J 10 3.50 -19.49 -13.68
C GLU J 10 3.74 -19.00 -12.26
N ILE J 11 2.83 -19.39 -11.35
CA ILE J 11 2.91 -18.99 -9.95
C ILE J 11 4.15 -19.61 -9.30
N ALA J 12 4.45 -20.87 -9.65
CA ALA J 12 5.65 -21.52 -9.13
C ALA J 12 6.92 -20.81 -9.60
N LYS J 13 6.99 -20.45 -10.89
CA LYS J 13 8.17 -19.73 -11.35
C LYS J 13 8.31 -18.41 -10.61
N ALA J 14 7.19 -17.71 -10.36
CA ALA J 14 7.24 -16.46 -9.63
C ALA J 14 7.69 -16.66 -8.18
N PHE J 15 7.16 -17.69 -7.51
CA PHE J 15 7.62 -18.00 -6.16
C PHE J 15 9.13 -18.24 -6.12
N LYS J 16 9.68 -18.89 -7.15
CA LYS J 16 11.12 -19.18 -7.12
C LYS J 16 11.93 -17.90 -7.20
N GLU J 17 11.46 -16.95 -8.01
CA GLU J 17 12.13 -15.66 -8.13
C GLU J 17 11.98 -14.84 -6.85
N ILE J 18 10.81 -14.93 -6.20
CA ILE J 18 10.60 -14.26 -4.91
C ILE J 18 11.51 -14.85 -3.84
N ALA J 19 11.67 -16.18 -3.83
CA ALA J 19 12.58 -16.79 -2.87
C ALA J 19 14.02 -16.32 -3.07
N TRP J 20 14.48 -16.26 -4.32
CA TRP J 20 15.81 -15.74 -4.59
C TRP J 20 15.97 -14.32 -4.04
N ALA J 21 14.95 -13.46 -4.24
CA ALA J 21 15.02 -12.09 -3.74
C ALA J 21 15.05 -12.06 -2.21
N PHE J 22 14.19 -12.86 -1.56
CA PHE J 22 14.18 -12.90 -0.11
C PHE J 22 15.55 -13.33 0.43
N LYS J 23 16.18 -14.32 -0.20
CA LYS J 23 17.50 -14.76 0.23
C LYS J 23 18.52 -13.63 0.13
N GLU J 24 18.44 -12.81 -0.93
CA GLU J 24 19.36 -11.69 -1.08
C GLU J 24 19.13 -10.64 0.01
N ILE J 25 17.87 -10.35 0.32
CA ILE J 25 17.53 -9.39 1.36
C ILE J 25 18.03 -9.87 2.72
N ALA J 26 17.73 -11.13 3.07
CA ALA J 26 18.23 -11.66 4.33
C ALA J 26 19.75 -11.63 4.40
N GLN J 27 20.43 -11.94 3.29
CA GLN J 27 21.88 -11.89 3.31
C GLN J 27 22.39 -10.46 3.44
N ALA J 28 21.69 -9.48 2.88
CA ALA J 28 22.11 -8.09 3.03
C ALA J 28 22.04 -7.65 4.49
N PHE J 29 21.02 -8.08 5.23
CA PHE J 29 20.92 -7.77 6.65
C PHE J 29 22.07 -8.37 7.45
N LYS J 30 22.88 -9.23 6.84
CA LYS J 30 24.03 -9.85 7.49
C LYS J 30 25.34 -9.45 6.82
N GLY J 31 25.34 -8.37 6.04
CA GLY J 31 26.56 -7.89 5.40
C GLY J 31 26.70 -8.16 3.91
N GLY K 2 -13.86 -21.80 -16.15
CA GLY K 2 -14.73 -20.66 -15.89
C GLY K 2 -14.25 -19.69 -14.83
N GLU K 3 -14.93 -19.71 -13.67
CA GLU K 3 -14.67 -18.74 -12.61
C GLU K 3 -13.30 -18.97 -11.97
N ILE K 4 -13.05 -20.20 -11.53
CA ILE K 4 -11.81 -20.50 -10.83
C ILE K 4 -10.62 -20.34 -11.77
N ALA K 5 -10.77 -20.73 -13.04
CA ALA K 5 -9.67 -20.57 -14.00
C ALA K 5 -9.33 -19.11 -14.19
N GLN K 6 -10.34 -18.25 -14.32
CA GLN K 6 -10.08 -16.82 -14.45
C GLN K 6 -9.38 -16.28 -13.21
N ALA K 7 -9.80 -16.73 -12.02
CA ALA K 7 -9.15 -16.26 -10.80
C ALA K 7 -7.69 -16.69 -10.78
N PHE K 8 -7.39 -17.93 -11.19
CA PHE K 8 -6.00 -18.40 -11.26
C PHE K 8 -5.18 -17.58 -12.25
N LYS K 9 -5.76 -17.22 -13.40
CA LYS K 9 -5.00 -16.40 -14.34
C LYS K 9 -4.68 -15.03 -13.74
N GLU K 10 -5.61 -14.47 -12.95
CA GLU K 10 -5.35 -13.18 -12.31
C GLU K 10 -4.31 -13.31 -11.21
N ILE K 11 -4.34 -14.41 -10.45
CA ILE K 11 -3.33 -14.63 -9.41
C ILE K 11 -1.96 -14.77 -10.03
N ALA K 12 -1.85 -15.49 -11.16
CA ALA K 12 -0.57 -15.65 -11.82
C ALA K 12 -0.03 -14.32 -12.34
N LYS K 13 -0.89 -13.49 -12.94
CA LYS K 13 -0.40 -12.21 -13.42
C LYS K 13 0.12 -11.36 -12.26
N ALA K 14 -0.58 -11.38 -11.12
CA ALA K 14 -0.13 -10.61 -9.97
C ALA K 14 1.18 -11.14 -9.41
N PHE K 15 1.36 -12.47 -9.40
CA PHE K 15 2.60 -13.05 -8.89
C PHE K 15 3.80 -12.64 -9.74
N LYS K 16 3.62 -12.55 -11.05
CA LYS K 16 4.69 -12.07 -11.91
C LYS K 16 5.10 -10.66 -11.52
N GLU K 17 4.12 -9.81 -11.20
CA GLU K 17 4.43 -8.42 -10.83
C GLU K 17 5.08 -8.34 -9.46
N ILE K 18 4.66 -9.21 -8.53
CA ILE K 18 5.30 -9.26 -7.22
C ILE K 18 6.75 -9.70 -7.36
N ALA K 19 7.00 -10.69 -8.23
CA ALA K 19 8.37 -11.15 -8.46
C ALA K 19 9.23 -10.04 -9.06
N TRP K 20 8.68 -9.25 -9.99
CA TRP K 20 9.44 -8.15 -10.55
C TRP K 20 9.78 -7.12 -9.47
N ALA K 21 8.82 -6.77 -8.61
CA ALA K 21 9.09 -5.77 -7.57
C ALA K 21 10.11 -6.29 -6.56
N PHE K 22 10.05 -7.59 -6.23
CA PHE K 22 11.00 -8.10 -5.24
C PHE K 22 12.40 -8.13 -5.80
N LYS K 23 12.56 -8.36 -7.11
CA LYS K 23 13.89 -8.27 -7.70
C LYS K 23 14.44 -6.86 -7.59
N GLU K 24 13.59 -5.87 -7.86
CA GLU K 24 14.00 -4.47 -7.70
C GLU K 24 14.40 -4.16 -6.26
N ILE K 25 13.63 -4.69 -5.29
CA ILE K 25 13.94 -4.42 -3.89
C ILE K 25 15.27 -5.07 -3.49
N ALA K 26 15.48 -6.32 -3.92
CA ALA K 26 16.74 -6.99 -3.61
C ALA K 26 17.92 -6.25 -4.23
N GLN K 27 17.75 -5.74 -5.45
CA GLN K 27 18.79 -4.94 -6.10
C GLN K 27 19.14 -3.70 -5.28
N ALA K 28 18.12 -3.04 -4.72
CA ALA K 28 18.36 -1.85 -3.92
C ALA K 28 19.17 -2.18 -2.68
N PHE K 29 18.95 -3.35 -2.09
CA PHE K 29 19.76 -3.75 -0.94
C PHE K 29 21.19 -4.10 -1.34
N LYS K 30 21.41 -4.51 -2.58
CA LYS K 30 22.75 -4.85 -3.06
C LYS K 30 23.38 -3.74 -3.89
N GLY K 31 22.86 -2.52 -3.78
CA GLY K 31 23.37 -1.42 -4.58
C GLY K 31 22.95 -0.04 -4.11
N GLY L 2 -19.47 -22.34 -6.50
CA GLY L 2 -19.78 -22.29 -5.09
C GLY L 2 -18.74 -21.66 -4.16
N GLU L 3 -18.48 -22.38 -3.06
CA GLU L 3 -17.64 -21.87 -1.98
C GLU L 3 -16.21 -21.62 -2.46
N ILE L 4 -15.68 -22.51 -3.31
CA ILE L 4 -14.26 -22.47 -3.60
C ILE L 4 -13.96 -21.43 -4.68
N ALA L 5 -14.88 -21.23 -5.63
CA ALA L 5 -14.71 -20.16 -6.60
C ALA L 5 -14.66 -18.81 -5.91
N GLN L 6 -15.53 -18.59 -4.93
CA GLN L 6 -15.51 -17.32 -4.21
C GLN L 6 -14.19 -17.13 -3.46
N ALA L 7 -13.68 -18.19 -2.83
CA ALA L 7 -12.41 -18.11 -2.13
C ALA L 7 -11.29 -17.66 -3.07
N PHE L 8 -11.23 -18.22 -4.28
CA PHE L 8 -10.15 -17.85 -5.18
C PHE L 8 -10.36 -16.48 -5.78
N LYS L 9 -11.61 -16.03 -5.93
CA LYS L 9 -11.84 -14.64 -6.33
C LYS L 9 -11.33 -13.66 -5.28
N GLU L 10 -11.53 -13.99 -4.00
CA GLU L 10 -10.97 -13.15 -2.94
C GLU L 10 -9.44 -13.17 -2.93
N ILE L 11 -8.84 -14.32 -3.28
CA ILE L 11 -7.39 -14.43 -3.33
C ILE L 11 -6.83 -13.60 -4.48
N ALA L 12 -7.47 -13.65 -5.65
CA ALA L 12 -7.03 -12.83 -6.77
C ALA L 12 -7.06 -11.35 -6.40
N LYS L 13 -8.09 -10.93 -5.68
CA LYS L 13 -8.19 -9.53 -5.30
C LYS L 13 -7.07 -9.14 -4.35
N ALA L 14 -6.77 -10.02 -3.39
CA ALA L 14 -5.73 -9.72 -2.40
C ALA L 14 -4.37 -9.60 -3.05
N PHE L 15 -4.05 -10.50 -4.00
CA PHE L 15 -2.72 -10.47 -4.59
C PHE L 15 -2.55 -9.33 -5.59
N LYS L 16 -3.63 -8.86 -6.23
CA LYS L 16 -3.54 -7.66 -7.04
C LYS L 16 -3.21 -6.45 -6.18
N GLU L 17 -3.80 -6.39 -4.98
CA GLU L 17 -3.45 -5.36 -4.01
C GLU L 17 -2.00 -5.46 -3.59
N ILE L 18 -1.51 -6.68 -3.37
CA ILE L 18 -0.14 -6.87 -2.93
C ILE L 18 0.84 -6.48 -4.04
N ALA L 19 0.51 -6.79 -5.30
CA ALA L 19 1.38 -6.42 -6.40
C ALA L 19 1.53 -4.91 -6.48
N TRP L 20 0.42 -4.17 -6.32
CA TRP L 20 0.48 -2.72 -6.34
C TRP L 20 1.34 -2.21 -5.20
N ALA L 21 1.17 -2.76 -3.99
CA ALA L 21 1.93 -2.27 -2.83
C ALA L 21 3.42 -2.46 -3.03
N PHE L 22 3.84 -3.62 -3.51
CA PHE L 22 5.28 -3.86 -3.64
C PHE L 22 5.90 -3.10 -4.82
N LYS L 23 5.12 -2.77 -5.85
CA LYS L 23 5.67 -1.86 -6.86
C LYS L 23 5.94 -0.48 -6.28
N GLU L 24 5.06 -0.01 -5.38
CA GLU L 24 5.28 1.28 -4.73
C GLU L 24 6.50 1.23 -3.84
N ILE L 25 6.69 0.10 -3.15
CA ILE L 25 7.84 -0.05 -2.27
C ILE L 25 9.12 -0.11 -3.10
N ALA L 26 9.10 -0.83 -4.22
CA ALA L 26 10.28 -0.90 -5.09
C ALA L 26 10.68 0.48 -5.58
N GLN L 27 9.72 1.30 -5.95
CA GLN L 27 10.04 2.67 -6.38
C GLN L 27 10.67 3.47 -5.25
N ALA L 28 10.14 3.36 -4.04
CA ALA L 28 10.71 4.06 -2.90
C ALA L 28 12.14 3.61 -2.61
N PHE L 29 12.41 2.31 -2.75
CA PHE L 29 13.74 1.78 -2.48
C PHE L 29 14.76 2.27 -3.51
N LYS L 30 14.36 2.35 -4.78
CA LYS L 30 15.31 2.78 -5.80
C LYS L 30 15.54 4.29 -5.78
N GLY L 31 14.72 5.05 -5.05
CA GLY L 31 14.95 6.48 -4.90
C GLY L 31 15.76 6.78 -3.65
#